data_6T3S
#
_entry.id   6T3S
#
_cell.length_a   89.890
_cell.length_b   95.240
_cell.length_c   227.896
_cell.angle_alpha   90.000
_cell.angle_beta   90.000
_cell.angle_gamma   90.000
#
_symmetry.space_group_name_H-M   'P 21 21 21'
#
loop_
_entity.id
_entity.type
_entity.pdbx_description
1 polymer 'Group IIC Intron Ribozyme'
2 non-polymer 'MAGNESIUM ION'
3 non-polymer 'SODIUM ION'
4 non-polymer '4-(2-HYDROXYETHYL)-1-PIPERAZINE ETHANESULFONIC ACID'
5 water water
#
_entity_poly.entity_id   1
_entity_poly.type   'polyribonucleotide'
_entity_poly.pdbx_seq_one_letter_code
;GGGGUUAUGUGUGCCCGGCAUGGGUGCAGUCUAUAGGGUGAGAGUCCCGAACUGUGAAGGCAGAAGUAACAGUUAGCCUA
ACGCAAGGGUGUCCGUGGCGACAUGGAAUCUGAAGGAAGCGGACGGCAAACCUUCGGUCUGAGGAACACGAACUUCAUAU
GAGGCUAGGUAUCAAUGGAUGAGUUUGCAUAACAAAACAAAGUCCUUUCUGCCAAAGUUGGUACAGAGUAAAUGAAGCAG
AUUGAUGAAGGGAAAGACUGCAUUCUUACCCGGGGAGGUCUGGAAACAGAAGUCAGUAGAAGUCAUAGUACCCUGUUCGC
AGGGGAAGGACGGAACAAGUAUGGCGUUCGCGCCUAAGCUUGAACUGCCGUAUACCGAACGGUACGUACGGUAGUGUG
;
_entity_poly.pdbx_strand_id   A
#
loop_
_chem_comp.id
_chem_comp.type
_chem_comp.name
_chem_comp.formula
A RNA linking ADENOSINE-5'-MONOPHOSPHATE 'C10 H14 N5 O7 P'
C RNA linking CYTIDINE-5'-MONOPHOSPHATE 'C9 H14 N3 O8 P'
EPE non-polymer '4-(2-HYDROXYETHYL)-1-PIPERAZINE ETHANESULFONIC ACID' 'C8 H18 N2 O4 S'
G RNA linking GUANOSINE-5'-MONOPHOSPHATE 'C10 H14 N5 O8 P'
MG non-polymer 'MAGNESIUM ION' 'Mg 2'
NA non-polymer 'SODIUM ION' 'Na 1'
U RNA linking URIDINE-5'-MONOPHOSPHATE 'C9 H13 N2 O9 P'
#
# COMPACT_ATOMS: atom_id res chain seq x y z
MG MG B . -28.68 -31.33 -9.45
MG MG C . 14.94 28.86 14.69
MG MG D . -2.13 -2.87 -8.24
MG MG E . -6.77 -7.77 9.56
MG MG F . -9.46 -16.34 5.85
MG MG G . 6.07 7.82 15.45
MG MG H . -5.00 4.86 -10.94
MG MG I . 23.22 14.01 3.45
MG MG J . -11.99 -9.38 -28.26
MG MG K . -29.17 4.29 27.97
MG MG L . -6.72 -17.52 -9.27
MG MG M . -6.26 24.79 26.42
MG MG N . 18.35 11.30 4.31
MG MG O . -15.53 -12.51 -18.80
MG MG P . -14.63 -22.36 1.93
MG MG Q . -13.00 -17.68 -30.95
MG MG R . -18.95 -28.93 23.18
MG MG S . -21.45 -10.60 17.83
MG MG T . -17.33 -19.61 24.01
MG MG U . -18.07 -8.27 1.44
NA NA V . -20.85 -14.05 0.01
NA NA W . -14.56 -30.11 -15.81
NA NA X . 15.70 -10.70 -5.22
NA NA Y . 29.05 14.51 13.66
NA NA Z . -2.58 -15.47 -20.06
NA NA AA . 1.74 15.89 30.91
NA NA BA . -18.16 -26.59 -28.61
C10 EPE CA . 11.28 16.39 2.06
S EPE CA . 9.86 15.64 2.57
O1S EPE CA . 10.15 14.58 3.58
O2S EPE CA . 9.18 15.01 1.42
O3S EPE CA . 8.96 16.65 3.18
NA NA DA . -6.53 -17.98 -24.77
N1 EPE EA . 19.92 6.63 26.67
C2 EPE EA . 20.19 7.37 25.40
C3 EPE EA . 21.56 8.04 25.32
N4 EPE EA . 22.06 7.94 26.65
C5 EPE EA . 22.30 6.61 27.19
C6 EPE EA . 20.91 6.31 27.73
C7 EPE EA . 22.17 9.13 27.45
C8 EPE EA . 21.01 8.94 28.43
O8 EPE EA . 21.36 9.44 29.75
C9 EPE EA . 18.55 6.15 26.81
C10 EPE EA . 18.48 4.99 25.79
S EPE EA . 16.98 4.52 25.27
O1S EPE EA . 16.02 4.49 26.38
O2S EPE EA . 17.04 3.20 24.64
O3S EPE EA . 16.67 5.63 24.36
N1 EPE FA . -11.16 1.43 -28.44
C2 EPE FA . -11.76 1.04 -27.15
C3 EPE FA . -10.65 0.75 -26.13
N4 EPE FA . -9.61 1.80 -26.16
C5 EPE FA . -9.10 2.35 -27.44
C6 EPE FA . -10.22 2.56 -28.47
C7 EPE FA . -9.06 2.24 -24.85
C8 EPE FA . -7.98 3.37 -24.88
O8 EPE FA . -7.22 3.44 -23.66
C9 EPE FA . -11.53 0.72 -29.69
C10 EPE FA . -12.91 0.06 -29.49
S EPE FA . -13.53 -0.75 -30.83
O1S EPE FA . -13.10 -2.16 -30.88
O2S EPE FA . -15.01 -0.72 -30.81
O3S EPE FA . -13.09 -0.06 -32.05
#